data_3TV0
#
_entry.id   3TV0
#
_cell.length_a   84.960
_cell.length_b   57.140
_cell.length_c   80.190
_cell.angle_alpha   90.00
_cell.angle_beta   108.50
_cell.angle_gamma   90.00
#
_symmetry.space_group_name_H-M   'C 1 2 1'
#
loop_
_entity.id
_entity.type
_entity.pdbx_description
1 polymer 'Dynactin subunit 6'
2 water water
#
_entity_poly.entity_id   1
_entity_poly.type   'polypeptide(L)'
_entity_poly.pdbx_seq_one_letter_code
;GSSSMAEKTQKSVKIAPGAVVCVESEIRGDVTIGPRTVIHPKARIIAEAGPIVIGEGNLIEEQALIINAYPDNITPDTED
PEPKPMIIGTNNVFEVGCYSQAMKMGDNNVIESKAYVGRNVILTSGCIIGACCNLNTFEVIPENTVIYGADCLRRVQTER
PQPQTLQLDFLMKILPNYHHLKKTMKGSSTPVKN
;
_entity_poly.pdbx_strand_id   A,B
#
# COMPACT_ATOMS: atom_id res chain seq x y z
N SER A 12 7.56 1.61 -17.51
CA SER A 12 8.36 0.53 -18.09
C SER A 12 9.53 0.09 -17.20
N VAL A 13 9.91 -1.17 -17.37
CA VAL A 13 10.97 -1.77 -16.57
C VAL A 13 12.34 -1.68 -17.24
N LYS A 14 13.28 -1.08 -16.55
CA LYS A 14 14.63 -0.92 -17.09
C LYS A 14 15.68 -1.71 -16.29
N ILE A 15 16.26 -2.72 -16.92
CA ILE A 15 17.30 -3.53 -16.30
C ILE A 15 18.65 -3.28 -16.92
N ALA A 16 19.66 -3.09 -16.07
CA ALA A 16 21.03 -2.90 -16.52
C ALA A 16 21.58 -4.16 -17.24
N PRO A 17 22.41 -3.97 -18.27
CA PRO A 17 23.07 -5.16 -18.82
C PRO A 17 23.82 -5.89 -17.71
N GLY A 18 23.69 -7.21 -17.70
CA GLY A 18 24.38 -8.01 -16.71
C GLY A 18 23.61 -8.20 -15.40
N ALA A 19 22.43 -7.60 -15.28
CA ALA A 19 21.58 -7.93 -14.15
C ALA A 19 20.85 -9.20 -14.53
N VAL A 20 20.49 -9.99 -13.52
CA VAL A 20 19.86 -11.28 -13.74
C VAL A 20 18.46 -11.26 -13.16
N VAL A 21 17.47 -11.11 -14.04
CA VAL A 21 16.09 -11.07 -13.62
C VAL A 21 15.36 -12.25 -14.22
N CYS A 22 14.97 -13.21 -13.39
CA CYS A 22 14.26 -14.39 -13.86
C CYS A 22 12.90 -14.04 -14.45
N VAL A 23 12.53 -14.71 -15.53
CA VAL A 23 11.25 -14.50 -16.18
C VAL A 23 10.05 -14.68 -15.26
N GLU A 24 10.20 -15.48 -14.22
CA GLU A 24 9.06 -15.80 -13.36
C GLU A 24 8.95 -14.82 -12.19
N SER A 25 9.72 -13.73 -12.23
CA SER A 25 9.52 -12.65 -11.27
C SER A 25 8.52 -11.64 -11.81
N GLU A 26 7.76 -11.04 -10.90
CA GLU A 26 6.76 -10.06 -11.28
C GLU A 26 7.32 -8.68 -11.05
N ILE A 27 7.40 -7.90 -12.13
CA ILE A 27 7.95 -6.56 -12.06
C ILE A 27 7.04 -5.62 -12.82
N ARG A 28 6.42 -4.68 -12.08
CA ARG A 28 5.39 -3.81 -12.64
C ARG A 28 5.64 -2.36 -12.28
N GLY A 29 5.58 -1.50 -13.30
CA GLY A 29 5.67 -0.06 -13.12
C GLY A 29 7.01 0.49 -13.58
N ASP A 30 7.34 1.69 -13.11
CA ASP A 30 8.60 2.32 -13.46
C ASP A 30 9.69 1.83 -12.50
N VAL A 31 10.40 0.79 -12.94
CA VAL A 31 11.43 0.17 -12.10
C VAL A 31 12.77 0.16 -12.80
N THR A 32 13.80 0.65 -12.11
CA THR A 32 15.16 0.59 -12.64
C THR A 32 16.03 -0.35 -11.81
N ILE A 33 16.68 -1.29 -12.49
CA ILE A 33 17.50 -2.32 -11.84
C ILE A 33 18.98 -2.16 -12.19
N GLY A 34 19.80 -1.89 -11.19
CA GLY A 34 21.22 -1.67 -11.39
C GLY A 34 21.97 -2.93 -11.81
N PRO A 35 23.21 -2.78 -12.30
CA PRO A 35 23.93 -3.99 -12.70
C PRO A 35 24.30 -4.88 -11.50
N ARG A 36 24.62 -6.13 -11.82
CA ARG A 36 25.03 -7.09 -10.80
C ARG A 36 23.89 -7.48 -9.88
N THR A 37 22.71 -6.94 -10.12
CA THR A 37 21.56 -7.29 -9.28
C THR A 37 20.94 -8.58 -9.78
N VAL A 38 20.46 -9.41 -8.84
CA VAL A 38 19.82 -10.68 -9.17
C VAL A 38 18.43 -10.75 -8.57
N ILE A 39 17.46 -11.17 -9.37
CA ILE A 39 16.07 -11.30 -8.93
C ILE A 39 15.52 -12.69 -9.22
N HIS A 40 15.21 -13.44 -8.15
CA HIS A 40 14.77 -14.82 -8.26
C HIS A 40 13.34 -14.90 -8.74
N PRO A 41 12.92 -16.08 -9.22
CA PRO A 41 11.51 -16.25 -9.61
C PRO A 41 10.59 -15.95 -8.44
N LYS A 42 9.40 -15.45 -8.73
CA LYS A 42 8.35 -15.26 -7.73
C LYS A 42 8.59 -14.06 -6.79
N ALA A 43 9.67 -13.32 -7.03
CA ALA A 43 9.85 -12.02 -6.41
C ALA A 43 8.88 -11.05 -7.06
N ARG A 44 8.29 -10.18 -6.26
CA ARG A 44 7.39 -9.17 -6.77
C ARG A 44 7.96 -7.77 -6.54
N ILE A 45 8.08 -6.99 -7.60
CA ILE A 45 8.57 -5.63 -7.49
C ILE A 45 7.61 -4.65 -8.17
N ILE A 46 6.93 -3.84 -7.36
CA ILE A 46 5.77 -3.08 -7.84
C ILE A 46 5.88 -1.59 -7.53
N ALA A 47 6.05 -0.81 -8.58
CA ALA A 47 6.19 0.64 -8.46
C ALA A 47 4.80 1.26 -8.61
N GLU A 48 4.06 1.22 -7.51
CA GLU A 48 2.66 1.62 -7.47
C GLU A 48 2.50 3.12 -7.43
N ALA A 49 3.02 3.72 -6.37
CA ALA A 49 2.80 5.14 -6.11
C ALA A 49 3.91 6.02 -6.68
N GLY A 50 5.00 5.39 -7.13
CA GLY A 50 6.14 6.14 -7.60
C GLY A 50 7.21 5.22 -8.17
N PRO A 51 8.27 5.79 -8.74
CA PRO A 51 9.24 4.86 -9.34
C PRO A 51 9.95 4.02 -8.27
N ILE A 52 10.57 2.93 -8.70
CA ILE A 52 11.52 2.24 -7.84
C ILE A 52 12.87 2.20 -8.52
N VAL A 53 13.91 2.52 -7.75
CA VAL A 53 15.27 2.43 -8.23
C VAL A 53 16.06 1.49 -7.34
N ILE A 54 16.67 0.48 -7.97
CA ILE A 54 17.48 -0.50 -7.28
C ILE A 54 18.88 -0.40 -7.83
N GLY A 55 19.85 -0.34 -6.93
CA GLY A 55 21.23 -0.11 -7.32
C GLY A 55 22.00 -1.35 -7.68
N GLU A 56 23.32 -1.23 -7.64
CA GLU A 56 24.23 -2.28 -8.05
C GLU A 56 24.28 -3.40 -7.00
N GLY A 57 24.30 -4.64 -7.48
CA GLY A 57 24.65 -5.79 -6.66
C GLY A 57 23.71 -6.19 -5.54
N ASN A 58 22.40 -6.03 -5.73
CA ASN A 58 21.42 -6.49 -4.73
C ASN A 58 20.90 -7.88 -5.09
N LEU A 59 20.40 -8.59 -4.09
CA LEU A 59 19.73 -9.88 -4.31
C LEU A 59 18.31 -9.84 -3.76
N ILE A 60 17.34 -10.12 -4.62
CA ILE A 60 15.94 -10.23 -4.22
C ILE A 60 15.49 -11.66 -4.46
N GLU A 61 15.18 -12.37 -3.37
CA GLU A 61 14.91 -13.79 -3.42
C GLU A 61 13.44 -14.10 -3.59
N GLU A 62 13.15 -15.38 -3.80
CA GLU A 62 11.80 -15.85 -4.03
C GLU A 62 10.78 -15.29 -3.04
N GLN A 63 9.64 -14.85 -3.57
CA GLN A 63 8.51 -14.39 -2.74
C GLN A 63 8.77 -13.13 -1.94
N ALA A 64 9.92 -12.50 -2.17
CA ALA A 64 10.17 -11.19 -1.61
C ALA A 64 9.20 -10.23 -2.26
N LEU A 65 8.72 -9.25 -1.50
CA LEU A 65 7.80 -8.24 -2.03
C LEU A 65 8.37 -6.85 -1.75
N ILE A 66 8.67 -6.11 -2.82
CA ILE A 66 9.10 -4.74 -2.71
C ILE A 66 8.08 -3.81 -3.39
N ILE A 67 7.50 -2.89 -2.62
CA ILE A 67 6.50 -2.02 -3.23
C ILE A 67 6.55 -0.56 -2.78
N ASN A 68 6.59 0.32 -3.78
CA ASN A 68 6.46 1.77 -3.58
C ASN A 68 4.96 2.04 -3.47
N ALA A 69 4.45 2.07 -2.24
CA ALA A 69 3.01 2.17 -2.04
C ALA A 69 2.60 3.55 -1.61
N TYR A 70 1.31 3.84 -1.78
CA TYR A 70 0.69 5.01 -1.19
C TYR A 70 0.64 4.80 0.31
N PRO A 71 0.95 5.86 1.07
CA PRO A 71 0.93 5.80 2.54
C PRO A 71 -0.49 5.69 3.11
N ASP A 72 -0.60 5.72 4.43
CA ASP A 72 -1.90 5.73 5.09
C ASP A 72 -2.28 7.16 5.47
N ASN A 73 -2.33 8.03 4.45
CA ASN A 73 -2.53 9.48 4.62
C ASN A 73 -2.35 10.22 3.29
N ILE A 74 -2.89 11.43 3.19
CA ILE A 74 -3.01 12.09 1.88
C ILE A 74 -1.90 13.10 1.56
N LYS A 84 8.40 10.57 -3.57
CA LYS A 84 7.91 9.92 -4.78
C LYS A 84 8.65 8.62 -5.08
N PRO A 85 9.94 8.69 -5.45
CA PRO A 85 10.64 7.43 -5.78
C PRO A 85 11.09 6.64 -4.56
N MET A 86 11.16 5.32 -4.72
CA MET A 86 11.79 4.48 -3.70
C MET A 86 13.22 4.24 -4.14
N ILE A 87 14.18 4.51 -3.25
CA ILE A 87 15.59 4.40 -3.57
C ILE A 87 16.27 3.30 -2.75
N ILE A 88 16.83 2.32 -3.44
CA ILE A 88 17.58 1.25 -2.81
CA ILE A 88 17.59 1.25 -2.79
C ILE A 88 19.04 1.28 -3.26
N GLY A 89 19.96 1.24 -2.31
CA GLY A 89 21.39 1.30 -2.63
C GLY A 89 22.01 0.02 -3.20
N THR A 90 23.23 -0.29 -2.76
CA THR A 90 23.98 -1.42 -3.31
C THR A 90 24.24 -2.51 -2.28
N ASN A 91 24.33 -3.77 -2.74
CA ASN A 91 24.71 -4.88 -1.86
C ASN A 91 23.73 -5.15 -0.70
N ASN A 92 22.44 -5.08 -0.99
CA ASN A 92 21.40 -5.46 -0.04
C ASN A 92 20.83 -6.82 -0.40
N VAL A 93 20.53 -7.61 0.62
CA VAL A 93 19.92 -8.91 0.41
C VAL A 93 18.51 -8.91 0.96
N PHE A 94 17.57 -9.21 0.09
CA PHE A 94 16.16 -9.36 0.45
C PHE A 94 15.83 -10.85 0.50
N GLU A 95 15.76 -11.42 1.69
CA GLU A 95 15.56 -12.84 1.81
C GLU A 95 14.13 -13.25 1.51
N VAL A 96 13.96 -14.55 1.34
CA VAL A 96 12.71 -15.13 0.87
C VAL A 96 11.52 -14.64 1.67
N GLY A 97 10.45 -14.27 0.95
CA GLY A 97 9.18 -13.91 1.58
C GLY A 97 9.17 -12.65 2.46
N CYS A 98 10.26 -11.89 2.47
CA CYS A 98 10.26 -10.62 3.19
C CYS A 98 9.49 -9.54 2.41
N TYR A 99 9.19 -8.43 3.06
CA TYR A 99 8.26 -7.46 2.47
C TYR A 99 8.73 -6.06 2.85
N SER A 100 9.07 -5.25 1.85
CA SER A 100 9.56 -3.91 2.16
C SER A 100 8.82 -2.75 1.47
N GLN A 101 8.42 -1.76 2.25
CA GLN A 101 7.89 -0.52 1.71
C GLN A 101 8.80 0.67 1.97
N ALA A 102 9.94 0.44 2.63
CA ALA A 102 10.88 1.52 2.93
C ALA A 102 11.25 2.30 1.67
N MET A 103 11.15 3.63 1.77
CA MET A 103 11.32 4.48 0.59
C MET A 103 12.77 4.82 0.34
N LYS A 104 13.60 4.54 1.34
CA LYS A 104 15.03 4.74 1.19
C LYS A 104 15.79 3.68 1.98
N MET A 105 16.83 3.14 1.35
CA MET A 105 17.66 2.11 1.95
C MET A 105 19.05 2.31 1.41
N GLY A 106 20.05 2.23 2.28
CA GLY A 106 21.43 2.46 1.89
C GLY A 106 22.10 1.23 1.28
N ASP A 107 23.24 0.85 1.87
CA ASP A 107 24.02 -0.29 1.37
C ASP A 107 24.22 -1.35 2.45
N ASN A 108 24.52 -2.56 1.98
CA ASN A 108 25.01 -3.60 2.88
C ASN A 108 23.98 -4.01 3.93
N ASN A 109 22.71 -3.96 3.57
CA ASN A 109 21.69 -4.37 4.53
C ASN A 109 21.23 -5.77 4.23
N VAL A 110 20.71 -6.44 5.25
CA VAL A 110 20.06 -7.71 5.05
C VAL A 110 18.71 -7.67 5.71
N ILE A 111 17.68 -7.98 4.94
CA ILE A 111 16.34 -8.17 5.44
C ILE A 111 16.05 -9.66 5.39
N GLU A 112 15.86 -10.26 6.56
CA GLU A 112 15.72 -11.71 6.68
C GLU A 112 14.33 -12.23 6.32
N SER A 113 14.27 -13.53 6.07
CA SER A 113 13.03 -14.20 5.70
C SER A 113 11.83 -13.68 6.46
N LYS A 114 10.83 -13.25 5.70
CA LYS A 114 9.53 -12.86 6.24
C LYS A 114 9.54 -11.66 7.19
N ALA A 115 10.63 -10.90 7.19
CA ALA A 115 10.65 -9.59 7.86
C ALA A 115 9.86 -8.53 7.06
N TYR A 116 9.20 -7.62 7.78
CA TYR A 116 8.50 -6.52 7.14
C TYR A 116 9.13 -5.17 7.49
N VAL A 117 9.47 -4.38 6.47
CA VAL A 117 10.04 -3.06 6.71
C VAL A 117 9.04 -2.03 6.24
N GLY A 118 8.55 -1.23 7.19
CA GLY A 118 7.43 -0.33 6.97
C GLY A 118 7.73 0.88 6.12
N ARG A 119 6.69 1.53 5.61
CA ARG A 119 6.87 2.67 4.70
C ARG A 119 7.50 3.89 5.35
N ASN A 120 7.36 4.02 6.66
CA ASN A 120 7.94 5.16 7.37
C ASN A 120 9.29 4.83 8.00
N VAL A 121 9.88 3.73 7.57
CA VAL A 121 11.21 3.36 8.04
C VAL A 121 12.23 3.71 6.97
N ILE A 122 13.33 4.31 7.40
CA ILE A 122 14.47 4.48 6.51
C ILE A 122 15.64 3.67 7.04
N LEU A 123 16.09 2.72 6.23
CA LEU A 123 17.26 1.92 6.55
C LEU A 123 18.48 2.65 6.05
N THR A 124 19.51 2.67 6.88
CA THR A 124 20.76 3.28 6.46
C THR A 124 21.69 2.28 5.77
N SER A 125 22.78 1.95 6.44
CA SER A 125 23.75 1.02 5.87
C SER A 125 24.20 0.03 6.93
N GLY A 126 24.48 -1.19 6.50
CA GLY A 126 25.04 -2.22 7.36
C GLY A 126 24.06 -2.77 8.36
N CYS A 127 22.75 -2.62 8.09
CA CYS A 127 21.73 -3.09 9.03
C CYS A 127 21.25 -4.52 8.76
N ILE A 128 20.67 -5.12 9.80
CA ILE A 128 20.10 -6.45 9.68
C ILE A 128 18.72 -6.49 10.34
N ILE A 129 17.70 -6.72 9.53
CA ILE A 129 16.37 -6.86 10.06
C ILE A 129 16.05 -8.35 10.22
N GLY A 130 15.93 -8.77 11.47
CA GLY A 130 15.76 -10.18 11.83
C GLY A 130 14.53 -10.83 11.25
N ALA A 131 14.60 -12.15 11.07
CA ALA A 131 13.52 -12.88 10.43
C ALA A 131 12.23 -12.68 11.19
N CYS A 132 11.11 -12.67 10.45
CA CYS A 132 9.79 -12.46 11.02
C CYS A 132 9.55 -11.14 11.77
N CYS A 133 10.54 -10.26 11.83
CA CYS A 133 10.35 -8.98 12.49
C CYS A 133 9.39 -8.06 11.71
N ASN A 134 8.39 -7.52 12.40
CA ASN A 134 7.45 -6.57 11.80
C ASN A 134 7.85 -5.13 12.14
N LEU A 135 8.69 -4.52 11.31
CA LEU A 135 9.21 -3.19 11.60
C LEU A 135 8.38 -2.13 10.92
N ASN A 136 7.25 -1.81 11.53
CA ASN A 136 6.35 -0.79 11.04
C ASN A 136 6.44 0.45 11.92
N THR A 137 7.59 1.12 11.86
CA THR A 137 7.87 2.27 12.69
C THR A 137 8.14 3.50 11.83
N PHE A 138 8.35 4.62 12.49
CA PHE A 138 8.61 5.90 11.86
C PHE A 138 9.96 6.33 12.34
N GLU A 139 11.00 6.01 11.59
CA GLU A 139 12.35 6.27 12.08
C GLU A 139 13.42 6.00 11.04
N VAL A 140 14.57 6.62 11.26
CA VAL A 140 15.77 6.31 10.51
C VAL A 140 16.62 5.38 11.36
N ILE A 141 16.86 4.17 10.85
CA ILE A 141 17.68 3.20 11.54
C ILE A 141 19.15 3.62 11.47
N PRO A 142 19.80 3.77 12.62
CA PRO A 142 21.23 4.06 12.63
C PRO A 142 22.02 2.96 11.93
N GLU A 143 23.17 3.32 11.37
CA GLU A 143 24.03 2.36 10.68
C GLU A 143 24.42 1.19 11.57
N ASN A 144 24.52 0.00 10.98
CA ASN A 144 25.05 -1.15 11.70
C ASN A 144 24.16 -1.60 12.84
N THR A 145 22.86 -1.46 12.66
CA THR A 145 21.93 -1.95 13.65
C THR A 145 21.37 -3.31 13.27
N VAL A 146 21.22 -4.16 14.27
CA VAL A 146 20.49 -5.40 14.13
C VAL A 146 19.23 -5.28 14.97
N ILE A 147 18.09 -5.43 14.32
CA ILE A 147 16.80 -5.42 14.97
C ILE A 147 16.20 -6.79 14.77
N TYR A 148 15.79 -7.45 15.85
CA TYR A 148 15.28 -8.82 15.77
C TYR A 148 14.35 -9.16 16.92
N GLY A 149 13.69 -10.31 16.80
CA GLY A 149 12.51 -10.66 17.58
C GLY A 149 11.27 -10.38 16.73
N ALA A 150 10.27 -11.24 16.78
CA ALA A 150 9.05 -11.02 16.01
C ALA A 150 8.50 -9.63 16.30
N ASP A 151 8.51 -9.24 17.58
N ASP A 151 8.55 -9.29 17.59
CA ASP A 151 8.03 -7.92 17.96
CA ASP A 151 8.14 -8.01 18.15
C ASP A 151 9.10 -6.84 17.81
C ASP A 151 9.05 -6.87 17.69
N CYS A 152 10.26 -7.21 17.25
CA CYS A 152 11.29 -6.23 16.93
C CYS A 152 11.83 -5.48 18.15
N LEU A 153 11.75 -6.07 19.33
CA LEU A 153 12.10 -5.35 20.56
C LEU A 153 13.60 -5.31 20.89
N ARG A 154 14.40 -6.07 20.16
CA ARG A 154 15.83 -6.15 20.48
C ARG A 154 16.72 -5.50 19.44
N ARG A 155 17.72 -4.76 19.89
CA ARG A 155 18.66 -4.11 18.97
C ARG A 155 20.09 -4.20 19.49
N VAL A 156 21.02 -4.55 18.60
CA VAL A 156 22.45 -4.49 18.89
C VAL A 156 23.22 -3.86 17.73
N GLN A 157 24.39 -3.33 18.04
CA GLN A 157 25.27 -2.75 17.04
C GLN A 157 26.29 -3.78 16.54
N THR A 158 26.40 -3.94 15.21
CA THR A 158 27.28 -4.97 14.65
C THR A 158 28.74 -4.68 14.96
N GLU A 159 29.08 -3.40 15.09
CA GLU A 159 30.47 -3.01 15.33
C GLU A 159 31.39 -3.48 14.19
N ARG A 160 30.82 -3.77 13.02
CA ARG A 160 31.62 -4.17 11.87
C ARG A 160 31.90 -2.97 10.97
N PRO A 161 33.01 -3.02 10.23
CA PRO A 161 33.28 -1.98 9.23
C PRO A 161 32.37 -2.16 8.00
N GLN A 162 32.59 -1.36 6.97
CA GLN A 162 31.74 -1.38 5.78
C GLN A 162 32.42 -1.86 4.50
N PRO A 163 33.56 -1.25 4.14
CA PRO A 163 34.22 -1.44 2.84
C PRO A 163 33.48 -2.38 1.91
N VAL B 13 -11.22 -5.37 -16.07
CA VAL B 13 -12.08 -4.25 -15.67
C VAL B 13 -13.49 -4.34 -16.29
N LYS B 14 -14.46 -4.67 -15.46
CA LYS B 14 -15.81 -4.95 -15.91
C LYS B 14 -16.81 -3.87 -15.51
N ILE B 15 -17.39 -3.22 -16.51
CA ILE B 15 -18.29 -2.09 -16.25
C ILE B 15 -19.71 -2.42 -16.69
N ALA B 16 -20.65 -2.38 -15.75
CA ALA B 16 -22.07 -2.68 -16.03
C ALA B 16 -22.75 -1.64 -16.93
N PRO B 17 -23.66 -2.11 -17.81
CA PRO B 17 -24.50 -1.18 -18.58
C PRO B 17 -25.16 -0.17 -17.65
N GLY B 18 -25.05 1.11 -17.98
CA GLY B 18 -25.72 2.15 -17.21
C GLY B 18 -24.81 2.84 -16.21
N ALA B 19 -23.56 2.41 -16.16
CA ALA B 19 -22.56 3.07 -15.36
C ALA B 19 -21.88 4.07 -16.25
N VAL B 20 -21.29 5.10 -15.64
CA VAL B 20 -20.63 6.14 -16.38
C VAL B 20 -19.19 6.20 -15.90
N VAL B 21 -18.26 5.84 -16.79
CA VAL B 21 -16.85 5.94 -16.48
C VAL B 21 -16.27 6.99 -17.39
N CYS B 22 -15.84 8.09 -16.79
CA CYS B 22 -15.31 9.21 -17.55
C CYS B 22 -13.94 8.83 -18.12
N VAL B 23 -13.64 9.38 -19.28
CA VAL B 23 -12.46 9.01 -20.05
C VAL B 23 -11.14 9.29 -19.34
N GLU B 24 -11.09 10.35 -18.55
CA GLU B 24 -9.84 10.75 -17.92
C GLU B 24 -9.65 10.06 -16.57
N SER B 25 -10.49 9.08 -16.26
CA SER B 25 -10.36 8.36 -15.01
C SER B 25 -9.35 7.22 -15.15
N GLU B 26 -8.94 6.65 -14.02
CA GLU B 26 -7.95 5.59 -14.02
C GLU B 26 -8.43 4.33 -13.29
N ILE B 27 -8.74 3.27 -14.03
CA ILE B 27 -9.15 2.02 -13.41
C ILE B 27 -8.25 0.86 -13.81
N ARG B 28 -7.60 0.24 -12.82
CA ARG B 28 -6.59 -0.80 -13.06
C ARG B 28 -6.89 -2.13 -12.36
N GLY B 29 -6.86 -3.22 -13.11
CA GLY B 29 -6.88 -4.54 -12.50
C GLY B 29 -8.24 -5.16 -12.55
N ASP B 30 -8.51 -6.08 -11.63
CA ASP B 30 -9.78 -6.78 -11.60
C ASP B 30 -10.84 -5.96 -10.84
N VAL B 31 -11.44 -5.01 -11.56
CA VAL B 31 -12.44 -4.12 -10.98
C VAL B 31 -13.79 -4.27 -11.66
N THR B 32 -14.83 -4.42 -10.83
CA THR B 32 -16.20 -4.53 -11.32
C THR B 32 -17.01 -3.32 -10.86
N ILE B 33 -17.69 -2.68 -11.80
CA ILE B 33 -18.40 -1.43 -11.56
C ILE B 33 -19.89 -1.60 -11.86
N GLY B 34 -20.74 -1.44 -10.86
CA GLY B 34 -22.16 -1.68 -11.02
C GLY B 34 -22.88 -0.59 -11.78
N PRO B 35 -24.15 -0.85 -12.14
CA PRO B 35 -24.96 0.11 -12.89
C PRO B 35 -25.18 1.40 -12.10
N ARG B 36 -25.22 2.54 -12.81
CA ARG B 36 -25.52 3.86 -12.23
C ARG B 36 -24.39 4.43 -11.42
N THR B 37 -23.30 3.67 -11.30
CA THR B 37 -22.14 4.20 -10.63
C THR B 37 -21.50 5.17 -11.60
N VAL B 38 -21.06 6.31 -11.06
CA VAL B 38 -20.37 7.32 -11.85
C VAL B 38 -18.95 7.52 -11.35
N ILE B 39 -18.00 7.47 -12.27
CA ILE B 39 -16.59 7.68 -11.96
C ILE B 39 -16.02 8.87 -12.72
N HIS B 40 -15.71 9.93 -11.99
CA HIS B 40 -15.28 11.20 -12.57
C HIS B 40 -13.84 11.19 -13.05
N PRO B 41 -13.47 12.17 -13.88
CA PRO B 41 -12.09 12.30 -14.34
C PRO B 41 -11.10 12.28 -13.19
N LYS B 42 -9.96 11.62 -13.42
CA LYS B 42 -8.85 11.63 -12.49
C LYS B 42 -9.14 10.95 -11.17
N ALA B 43 -10.24 10.21 -11.11
CA ALA B 43 -10.45 9.24 -10.05
C ALA B 43 -9.54 8.05 -10.34
N ARG B 44 -8.98 7.43 -9.30
CA ARG B 44 -8.13 6.25 -9.45
C ARG B 44 -8.71 5.07 -8.67
N ILE B 45 -8.99 3.98 -9.39
CA ILE B 45 -9.40 2.74 -8.75
C ILE B 45 -8.43 1.61 -9.07
N ILE B 46 -7.68 1.16 -8.06
CA ILE B 46 -6.57 0.23 -8.23
C ILE B 46 -6.78 -1.07 -7.48
N ALA B 47 -7.00 -2.16 -8.22
CA ALA B 47 -7.14 -3.48 -7.61
C ALA B 47 -5.79 -4.19 -7.64
N GLU B 48 -4.96 -3.87 -6.66
CA GLU B 48 -3.54 -4.26 -6.63
C GLU B 48 -3.30 -5.62 -5.98
N ALA B 49 -3.88 -5.82 -4.80
CA ALA B 49 -3.67 -7.03 -4.02
C ALA B 49 -4.86 -7.96 -4.13
N GLY B 50 -5.90 -7.51 -4.82
CA GLY B 50 -7.13 -8.29 -4.91
C GLY B 50 -8.21 -7.58 -5.71
N PRO B 51 -9.32 -8.27 -5.96
CA PRO B 51 -10.33 -7.57 -6.77
C PRO B 51 -11.08 -6.47 -6.01
N ILE B 52 -11.70 -5.59 -6.78
CA ILE B 52 -12.59 -4.57 -6.28
CA ILE B 52 -12.60 -4.60 -6.24
C ILE B 52 -13.96 -4.78 -6.90
N VAL B 53 -14.98 -4.89 -6.06
CA VAL B 53 -16.34 -5.00 -6.54
C VAL B 53 -17.13 -3.80 -6.00
N ILE B 54 -17.67 -3.01 -6.92
CA ILE B 54 -18.39 -1.81 -6.59
C ILE B 54 -19.81 -1.91 -7.10
N GLY B 55 -20.77 -1.66 -6.20
CA GLY B 55 -22.17 -1.87 -6.47
C GLY B 55 -22.85 -0.78 -7.28
N GLU B 56 -24.15 -0.63 -7.08
CA GLU B 56 -24.92 0.33 -7.84
C GLU B 56 -24.90 1.73 -7.25
N GLY B 57 -24.99 2.71 -8.14
CA GLY B 57 -25.26 4.08 -7.75
C GLY B 57 -24.18 4.77 -6.94
N ASN B 58 -22.96 4.27 -6.96
CA ASN B 58 -21.90 4.95 -6.23
C ASN B 58 -21.39 6.11 -7.03
N LEU B 59 -20.77 7.06 -6.34
CA LEU B 59 -20.16 8.18 -7.04
C LEU B 59 -18.73 8.33 -6.54
N ILE B 60 -17.78 8.30 -7.47
CA ILE B 60 -16.37 8.42 -7.15
C ILE B 60 -15.89 9.67 -7.82
N GLU B 61 -15.56 10.68 -7.01
CA GLU B 61 -15.33 12.00 -7.54
C GLU B 61 -13.88 12.24 -7.89
N GLU B 62 -13.66 13.31 -8.63
CA GLU B 62 -12.36 13.63 -9.15
C GLU B 62 -11.27 13.48 -8.08
N GLN B 63 -10.21 12.77 -8.48
CA GLN B 63 -9.04 12.55 -7.65
C GLN B 63 -9.28 11.73 -6.39
N ALA B 64 -10.44 11.08 -6.31
CA ALA B 64 -10.61 10.10 -5.26
C ALA B 64 -9.66 8.95 -5.56
N LEU B 65 -9.20 8.27 -4.52
CA LEU B 65 -8.33 7.12 -4.71
C LEU B 65 -8.91 5.95 -3.97
N ILE B 66 -9.23 4.90 -4.71
CA ILE B 66 -9.68 3.66 -4.10
C ILE B 66 -8.73 2.54 -4.44
N ILE B 67 -8.12 1.95 -3.43
CA ILE B 67 -7.16 0.89 -3.71
C ILE B 67 -7.22 -0.34 -2.78
N ASN B 68 -7.26 -1.52 -3.41
CA ASN B 68 -7.09 -2.80 -2.73
C ASN B 68 -5.61 -3.07 -2.63
N ALA B 69 -5.02 -2.70 -1.49
CA ALA B 69 -3.58 -2.74 -1.30
C ALA B 69 -3.21 -3.93 -0.45
N TYR B 70 -1.94 -4.35 -0.56
CA TYR B 70 -1.36 -5.29 0.38
C TYR B 70 -1.28 -4.59 1.72
N PRO B 71 -1.62 -5.31 2.80
CA PRO B 71 -1.54 -4.76 4.16
C PRO B 71 -0.11 -4.39 4.50
N ASP B 72 0.07 -3.62 5.57
CA ASP B 72 1.42 -3.34 6.08
C ASP B 72 1.91 -4.48 6.96
N ASN B 73 1.69 -5.72 6.50
CA ASN B 73 1.98 -6.93 7.28
C ASN B 73 2.39 -8.06 6.36
N ILE B 74 2.78 -9.20 6.93
CA ILE B 74 3.16 -10.34 6.10
C ILE B 74 2.07 -11.42 6.04
N PRO B 83 -6.72 -14.15 -2.94
CA PRO B 83 -6.67 -12.69 -2.68
C PRO B 83 -8.06 -12.19 -2.31
N LYS B 84 -8.20 -11.64 -1.10
CA LYS B 84 -9.50 -11.19 -0.66
C LYS B 84 -9.95 -9.91 -1.38
N PRO B 85 -11.21 -9.87 -1.80
CA PRO B 85 -11.70 -8.73 -2.60
C PRO B 85 -12.14 -7.58 -1.70
N MET B 86 -12.11 -6.37 -2.26
CA MET B 86 -12.74 -5.24 -1.61
C MET B 86 -14.19 -5.16 -2.08
N ILE B 87 -15.11 -5.05 -1.13
CA ILE B 87 -16.54 -5.02 -1.46
C ILE B 87 -17.22 -3.71 -1.06
N ILE B 88 -17.71 -2.99 -2.07
CA ILE B 88 -18.41 -1.73 -1.87
C ILE B 88 -19.84 -1.85 -2.35
N GLY B 89 -20.76 -1.33 -1.54
CA GLY B 89 -22.18 -1.45 -1.81
C GLY B 89 -22.81 -0.38 -2.70
N THR B 90 -23.95 0.14 -2.24
CA THR B 90 -24.82 0.99 -3.05
C THR B 90 -24.88 2.43 -2.55
N ASN B 91 -24.87 3.38 -3.48
CA ASN B 91 -25.01 4.79 -3.15
C ASN B 91 -24.02 5.30 -2.11
N ASN B 92 -22.76 4.96 -2.29
CA ASN B 92 -21.69 5.50 -1.46
C ASN B 92 -21.03 6.60 -2.24
N VAL B 93 -20.42 7.55 -1.53
CA VAL B 93 -19.85 8.72 -2.17
C VAL B 93 -18.42 8.95 -1.70
N PHE B 94 -17.52 9.06 -2.66
CA PHE B 94 -16.11 9.29 -2.40
C PHE B 94 -15.78 10.67 -2.94
N GLU B 95 -15.77 11.66 -2.06
CA GLU B 95 -15.69 13.03 -2.50
C GLU B 95 -14.29 13.36 -2.98
N VAL B 96 -14.17 14.49 -3.65
CA VAL B 96 -12.92 14.87 -4.27
C VAL B 96 -11.74 14.63 -3.33
N GLY B 97 -10.74 13.93 -3.84
CA GLY B 97 -9.46 13.79 -3.14
C GLY B 97 -9.43 12.84 -1.94
N CYS B 98 -10.54 12.18 -1.65
CA CYS B 98 -10.50 11.22 -0.55
C CYS B 98 -9.73 9.95 -0.97
N TYR B 99 -9.39 9.12 0.02
CA TYR B 99 -8.53 7.95 -0.21
C TYR B 99 -9.04 6.81 0.66
N SER B 100 -9.50 5.74 0.01
CA SER B 100 -10.08 4.59 0.72
C SER B 100 -9.42 3.23 0.47
N GLN B 101 -9.19 2.48 1.56
CA GLN B 101 -8.67 1.11 1.48
C GLN B 101 -9.59 0.15 2.23
N ALA B 102 -10.63 0.71 2.85
CA ALA B 102 -11.60 -0.13 3.54
C ALA B 102 -11.96 -1.28 2.61
N MET B 103 -12.01 -2.48 3.16
CA MET B 103 -12.22 -3.69 2.38
C MET B 103 -13.70 -4.03 2.31
N LYS B 104 -14.47 -3.48 3.24
CA LYS B 104 -15.93 -3.61 3.16
C LYS B 104 -16.71 -2.36 3.54
N MET B 105 -17.65 -2.00 2.66
CA MET B 105 -18.55 -0.88 2.88
C MET B 105 -19.94 -1.28 2.45
N GLY B 106 -20.94 -0.88 3.23
CA GLY B 106 -22.32 -1.15 2.88
C GLY B 106 -22.93 -0.15 1.91
N ASP B 107 -23.95 0.55 2.39
CA ASP B 107 -24.72 1.46 1.56
C ASP B 107 -24.77 2.87 2.14
N ASN B 108 -24.97 3.86 1.28
CA ASN B 108 -25.23 5.22 1.75
C ASN B 108 -24.16 5.77 2.69
N ASN B 109 -22.91 5.46 2.42
CA ASN B 109 -21.81 6.09 3.14
C ASN B 109 -21.21 7.23 2.35
N VAL B 110 -20.87 8.30 3.06
CA VAL B 110 -20.22 9.42 2.45
C VAL B 110 -18.85 9.62 3.06
N ILE B 111 -17.83 9.58 2.22
CA ILE B 111 -16.49 9.88 2.66
C ILE B 111 -16.16 11.25 2.14
N GLU B 112 -16.01 12.20 3.05
CA GLU B 112 -15.92 13.58 2.62
C GLU B 112 -14.56 13.90 2.05
N SER B 113 -14.55 15.04 1.37
CA SER B 113 -13.40 15.52 0.64
C SER B 113 -12.11 15.31 1.43
N LYS B 114 -11.16 14.61 0.81
CA LYS B 114 -9.79 14.46 1.35
C LYS B 114 -9.65 13.66 2.64
N ALA B 115 -10.68 12.92 3.02
CA ALA B 115 -10.60 12.02 4.16
C ALA B 115 -9.84 10.74 3.78
N TYR B 116 -9.24 10.10 4.78
CA TYR B 116 -8.62 8.79 4.58
C TYR B 116 -9.29 7.70 5.40
N VAL B 117 -9.65 6.60 4.74
CA VAL B 117 -10.30 5.49 5.42
C VAL B 117 -9.48 4.22 5.24
N GLY B 118 -9.12 3.60 6.36
CA GLY B 118 -8.15 2.53 6.37
C GLY B 118 -8.63 1.14 6.05
N ARG B 119 -7.66 0.26 5.83
CA ARG B 119 -7.93 -1.10 5.36
C ARG B 119 -8.74 -1.93 6.36
N ASN B 120 -8.51 -1.72 7.66
CA ASN B 120 -9.23 -2.48 8.69
C ASN B 120 -10.48 -1.78 9.21
N VAL B 121 -10.86 -0.69 8.56
CA VAL B 121 -12.09 0.00 8.92
C VAL B 121 -13.21 -0.58 8.07
N ILE B 122 -14.26 -1.07 8.72
CA ILE B 122 -15.45 -1.54 8.01
C ILE B 122 -16.64 -0.61 8.25
N LEU B 123 -17.13 0.00 7.17
CA LEU B 123 -18.26 0.91 7.25
C LEU B 123 -19.53 0.11 7.03
N THR B 124 -20.54 0.38 7.85
CA THR B 124 -21.82 -0.27 7.63
C THR B 124 -22.63 0.54 6.62
N SER B 125 -23.67 1.23 7.09
CA SER B 125 -24.47 2.06 6.21
C SER B 125 -24.79 3.40 6.85
N GLY B 126 -24.90 4.43 6.02
CA GLY B 126 -25.32 5.73 6.49
C GLY B 126 -24.25 6.51 7.20
N CYS B 127 -22.99 6.17 7.01
CA CYS B 127 -21.93 6.88 7.72
C CYS B 127 -21.39 8.09 6.99
N ILE B 128 -20.80 9.01 7.75
CA ILE B 128 -20.13 10.16 7.19
C ILE B 128 -18.78 10.37 7.84
N ILE B 129 -17.73 10.30 7.04
CA ILE B 129 -16.38 10.57 7.51
C ILE B 129 -16.04 12.02 7.19
N GLY B 130 -15.83 12.81 8.24
CA GLY B 130 -15.65 14.23 8.07
C GLY B 130 -14.50 14.57 7.16
N ALA B 131 -14.61 15.69 6.45
CA ALA B 131 -13.53 16.16 5.57
C ALA B 131 -12.16 16.11 6.24
N CYS B 132 -11.16 15.69 5.45
CA CYS B 132 -9.78 15.64 5.91
C CYS B 132 -9.52 14.74 7.13
N CYS B 133 -10.49 13.95 7.56
CA CYS B 133 -10.25 13.05 8.69
C CYS B 133 -9.27 11.94 8.30
N ASN B 134 -8.50 11.47 9.27
CA ASN B 134 -7.68 10.29 9.07
C ASN B 134 -8.21 9.15 9.94
N LEU B 135 -8.85 8.18 9.31
CA LEU B 135 -9.50 7.09 10.05
C LEU B 135 -8.88 5.73 9.70
N ASN B 136 -7.93 5.32 10.54
CA ASN B 136 -7.12 4.12 10.31
C ASN B 136 -7.16 3.16 11.50
N THR B 137 -8.37 2.78 11.91
CA THR B 137 -8.53 1.89 13.06
C THR B 137 -8.93 0.48 12.64
N PHE B 138 -9.15 -0.37 13.64
CA PHE B 138 -9.54 -1.76 13.42
C PHE B 138 -10.92 -1.93 14.05
N GLU B 139 -11.96 -1.93 13.23
CA GLU B 139 -13.32 -1.91 13.78
C GLU B 139 -14.40 -1.83 12.71
N VAL B 140 -15.62 -2.18 13.13
CA VAL B 140 -16.83 -1.99 12.36
C VAL B 140 -17.56 -0.75 12.88
N ILE B 141 -17.63 0.30 12.06
CA ILE B 141 -18.40 1.50 12.39
C ILE B 141 -19.91 1.27 12.35
N PRO B 142 -20.61 1.52 13.47
CA PRO B 142 -22.06 1.32 13.58
C PRO B 142 -22.79 2.18 12.55
N GLU B 143 -23.94 1.72 12.08
CA GLU B 143 -24.69 2.47 11.09
C GLU B 143 -24.97 3.91 11.53
N ASN B 144 -24.95 4.82 10.55
CA ASN B 144 -25.40 6.19 10.75
C ASN B 144 -24.43 7.04 11.56
N THR B 145 -23.16 6.65 11.53
CA THR B 145 -22.18 7.35 12.36
C THR B 145 -21.47 8.49 11.64
N VAL B 146 -21.32 9.62 12.34
CA VAL B 146 -20.57 10.75 11.84
C VAL B 146 -19.22 10.80 12.56
N ILE B 147 -18.13 10.75 11.80
CA ILE B 147 -16.81 10.95 12.38
C ILE B 147 -16.46 12.42 12.26
N TYR B 148 -16.16 13.05 13.39
CA TYR B 148 -15.87 14.47 13.36
C TYR B 148 -15.02 14.79 14.57
N GLY B 149 -14.75 16.07 14.78
CA GLY B 149 -13.94 16.51 15.89
C GLY B 149 -12.62 17.03 15.37
N ALA B 150 -11.87 17.70 16.23
CA ALA B 150 -10.58 18.27 15.85
C ALA B 150 -9.55 17.22 15.49
N ASP B 151 -9.59 16.08 16.19
CA ASP B 151 -8.66 14.99 15.92
C ASP B 151 -9.42 13.84 15.27
N CYS B 152 -10.66 14.10 14.88
CA CYS B 152 -11.53 13.09 14.32
C CYS B 152 -11.74 11.96 15.32
N LEU B 153 -11.86 12.31 16.60
CA LEU B 153 -12.06 11.32 17.64
C LEU B 153 -13.50 11.35 18.17
N ARG B 154 -14.26 12.35 17.76
CA ARG B 154 -15.65 12.41 18.21
C ARG B 154 -16.51 11.65 17.23
N ARG B 155 -17.57 11.02 17.74
CA ARG B 155 -18.51 10.27 16.94
C ARG B 155 -19.92 10.44 17.48
N VAL B 156 -20.89 10.48 16.57
CA VAL B 156 -22.28 10.47 16.96
C VAL B 156 -23.07 9.68 15.94
N GLN B 157 -24.14 9.06 16.42
CA GLN B 157 -25.07 8.33 15.57
C GLN B 157 -26.30 9.19 15.33
N THR B 158 -26.54 9.57 14.08
CA THR B 158 -27.68 10.43 13.76
C THR B 158 -28.98 9.63 13.91
N GLU B 159 -28.88 8.31 13.75
CA GLU B 159 -30.03 7.45 13.90
C GLU B 159 -29.64 6.00 14.21
N ARG B 160 -30.52 5.28 14.87
CA ARG B 160 -30.23 3.91 15.30
C ARG B 160 -30.43 2.89 14.18
N PRO B 161 -29.58 1.85 14.15
CA PRO B 161 -29.63 0.79 13.13
C PRO B 161 -30.99 0.10 13.08
#